data_2PPT
#
_entry.id   2PPT
#
_cell.length_a   83.784
_cell.length_b   68.184
_cell.length_c   64.124
_cell.angle_alpha   90.00
_cell.angle_beta   112.04
_cell.angle_gamma   90.00
#
_symmetry.space_group_name_H-M   'C 1 2 1'
#
loop_
_entity.id
_entity.type
_entity.pdbx_description
1 polymer thioredoxin-2
2 non-polymer 'ZINC ION'
3 water water
#
_entity_poly.entity_id   1
_entity_poly.type   'polypeptide(L)'
_entity_poly.pdbx_seq_one_letter_code
;GSHMMGAKMAESLRLTCLACGQANKVPSDRLAAGPKCGICGAGLITGKVAGIDPAILARAERDDLPLLVDFWAPWCGPCR
QMAPQFQAAAATLAGQVRLAKIDTQAHPAVAGRHRIQGIPAFILFHKGRELARAAGARPASELVGFVRGKLGARA
;
_entity_poly.pdbx_strand_id   A,B
#
# COMPACT_ATOMS: atom_id res chain seq x y z
N MET A 4 1.06 27.10 1.56
CA MET A 4 0.87 26.31 0.29
C MET A 4 2.16 26.03 -0.49
N MET A 5 2.72 24.85 -0.29
CA MET A 5 3.87 24.39 -1.07
C MET A 5 3.45 23.26 -1.99
N GLY A 6 4.27 22.92 -2.98
CA GLY A 6 3.99 21.81 -3.88
C GLY A 6 4.17 20.47 -3.17
N ALA A 7 3.34 19.49 -3.55
CA ALA A 7 3.51 18.11 -3.06
C ALA A 7 4.69 17.44 -3.73
N LYS A 8 5.29 16.45 -3.06
CA LYS A 8 6.36 15.63 -3.65
C LYS A 8 5.78 14.57 -4.58
N MET A 9 6.18 14.63 -5.85
CA MET A 9 5.55 13.87 -6.93
C MET A 9 6.45 12.80 -7.54
N ALA A 10 7.64 12.60 -6.97
CA ALA A 10 8.57 11.60 -7.48
C ALA A 10 7.99 10.20 -7.33
N GLU A 11 8.05 9.43 -8.40
CA GLU A 11 7.55 8.06 -8.39
C GLU A 11 8.44 7.19 -7.49
N SER A 12 7.81 6.26 -6.80
CA SER A 12 8.50 5.33 -5.96
C SER A 12 7.86 3.98 -6.17
N LEU A 13 8.54 2.93 -5.73
CA LEU A 13 7.99 1.57 -5.80
C LEU A 13 7.78 0.99 -4.41
N ARG A 14 6.61 0.39 -4.19
CA ARG A 14 6.37 -0.41 -2.99
C ARG A 14 7.22 -1.67 -3.00
N LEU A 15 8.16 -1.75 -2.07
CA LEU A 15 8.94 -2.97 -1.86
C LEU A 15 8.75 -3.52 -0.46
N THR A 16 8.37 -4.80 -0.37
CA THR A 16 8.39 -5.51 0.89
C THR A 16 9.82 -5.89 1.29
N CYS A 17 10.20 -5.54 2.52
CA CYS A 17 11.45 -5.98 3.09
C CYS A 17 11.38 -7.51 3.30
N LEU A 18 12.34 -8.22 2.70
CA LEU A 18 12.32 -9.69 2.73
C LEU A 18 12.84 -10.25 4.05
N ALA A 19 13.41 -9.36 4.87
CA ALA A 19 13.86 -9.70 6.22
C ALA A 19 12.82 -9.56 7.34
N CYS A 20 12.00 -8.47 7.29
CA CYS A 20 11.01 -8.24 8.36
C CYS A 20 9.58 -8.08 7.84
N GLY A 21 9.41 -8.07 6.52
CA GLY A 21 8.11 -7.90 5.88
C GLY A 21 7.56 -6.47 5.77
N GLN A 22 8.24 -5.48 6.35
CA GLN A 22 7.82 -4.06 6.21
C GLN A 22 7.63 -3.58 4.78
N ALA A 23 6.49 -2.93 4.51
CA ALA A 23 6.28 -2.27 3.22
C ALA A 23 7.13 -1.00 3.21
N ASN A 24 8.03 -0.89 2.23
CA ASN A 24 8.90 0.27 2.05
C ASN A 24 8.61 0.92 0.70
N LYS A 25 8.86 2.22 0.59
CA LYS A 25 8.71 2.93 -0.68
C LYS A 25 10.08 3.38 -1.15
N VAL A 26 10.50 2.92 -2.33
CA VAL A 26 11.82 3.29 -2.83
C VAL A 26 11.69 4.19 -4.07
N PRO A 27 12.32 5.38 -4.04
CA PRO A 27 12.34 6.26 -5.22
C PRO A 27 12.79 5.46 -6.45
N SER A 28 12.06 5.60 -7.55
CA SER A 28 12.37 4.85 -8.77
C SER A 28 13.77 5.16 -9.28
N ASP A 29 14.33 6.29 -8.84
CA ASP A 29 15.68 6.69 -9.26
C ASP A 29 16.78 6.26 -8.31
N ARG A 30 16.40 5.56 -7.23
CA ARG A 30 17.39 5.09 -6.26
C ARG A 30 17.52 3.56 -6.20
N LEU A 31 17.08 2.88 -7.26
CA LEU A 31 17.11 1.42 -7.32
C LEU A 31 18.53 0.87 -7.15
N ALA A 32 19.53 1.66 -7.55
CA ALA A 32 20.93 1.25 -7.45
C ALA A 32 21.67 1.85 -6.25
N ALA A 33 20.97 2.64 -5.42
CA ALA A 33 21.61 3.32 -4.28
C ALA A 33 21.72 2.50 -2.96
N GLY A 34 21.45 1.20 -3.03
CA GLY A 34 21.39 0.36 -1.83
C GLY A 34 20.43 0.83 -0.75
N PRO A 35 19.14 1.02 -1.11
CA PRO A 35 18.20 1.47 -0.09
C PRO A 35 18.01 0.41 1.02
N LYS A 36 17.75 0.87 2.24
CA LYS A 36 17.58 0.01 3.43
C LYS A 36 16.17 0.09 3.96
N CYS A 37 15.68 -1.00 4.53
CA CYS A 37 14.40 -0.99 5.23
C CYS A 37 14.43 -0.03 6.44
N GLY A 38 13.39 0.81 6.57
CA GLY A 38 13.30 1.81 7.64
C GLY A 38 13.02 1.20 9.00
N ILE A 39 12.63 -0.08 9.02
CA ILE A 39 12.35 -0.73 10.27
C ILE A 39 13.53 -1.56 10.79
N CYS A 40 14.11 -2.45 9.95
CA CYS A 40 15.11 -3.40 10.45
C CYS A 40 16.52 -3.18 9.85
N GLY A 41 16.64 -2.28 8.89
CA GLY A 41 17.93 -1.91 8.30
C GLY A 41 18.41 -2.79 7.17
N ALA A 42 17.72 -3.90 6.90
CA ALA A 42 18.13 -4.78 5.81
C ALA A 42 18.10 -4.10 4.43
N GLY A 43 19.12 -4.35 3.60
CA GLY A 43 19.14 -3.83 2.23
C GLY A 43 17.93 -4.33 1.45
N LEU A 44 17.26 -3.43 0.75
CA LEU A 44 16.09 -3.77 -0.03
C LEU A 44 16.40 -4.29 -1.44
N ILE A 45 17.55 -3.89 -2.00
CA ILE A 45 17.91 -4.28 -3.38
C ILE A 45 19.36 -4.73 -3.43
N THR A 46 19.60 -5.97 -3.01
CA THR A 46 20.97 -6.41 -2.76
C THR A 46 21.56 -7.23 -3.91
N GLY A 47 20.73 -7.65 -4.86
CA GLY A 47 21.18 -8.53 -5.93
C GLY A 47 21.52 -9.93 -5.45
N LYS A 48 21.09 -10.25 -4.23
CA LYS A 48 21.33 -11.55 -3.64
C LYS A 48 19.98 -12.29 -3.49
N VAL A 49 20.02 -13.55 -3.08
CA VAL A 49 18.82 -14.37 -2.91
C VAL A 49 18.46 -14.49 -1.43
N ALA A 50 17.27 -14.06 -1.06
CA ALA A 50 16.84 -14.22 0.34
C ALA A 50 15.97 -15.49 0.48
N GLY A 51 16.19 -16.26 1.54
CA GLY A 51 15.34 -17.43 1.83
C GLY A 51 14.21 -16.89 2.69
N ILE A 52 12.98 -16.92 2.20
CA ILE A 52 11.88 -16.20 2.86
C ILE A 52 10.83 -17.17 3.37
N ASP A 53 9.93 -16.64 4.17
CA ASP A 53 8.91 -17.50 4.78
C ASP A 53 7.55 -17.15 4.13
N PRO A 54 6.50 -17.96 4.38
CA PRO A 54 5.24 -17.78 3.74
C PRO A 54 4.58 -16.41 3.98
N ALA A 55 4.77 -15.80 5.16
CA ALA A 55 4.14 -14.49 5.46
C ALA A 55 4.77 -13.37 4.60
N ILE A 56 6.10 -13.41 4.51
CA ILE A 56 6.86 -12.45 3.69
C ILE A 56 6.53 -12.66 2.21
N LEU A 57 6.47 -13.91 1.80
CA LEU A 57 6.09 -14.20 0.41
C LEU A 57 4.77 -13.57 -0.02
N ALA A 58 3.71 -13.74 0.77
CA ALA A 58 2.39 -13.21 0.45
C ALA A 58 2.41 -11.68 0.28
N ARG A 59 3.23 -11.04 1.09
CA ARG A 59 3.38 -9.58 1.02
C ARG A 59 4.17 -9.17 -0.21
N ALA A 60 5.29 -9.88 -0.42
CA ALA A 60 6.24 -9.53 -1.49
C ALA A 60 5.66 -9.69 -2.90
N GLU A 61 4.69 -10.60 -3.05
CA GLU A 61 4.02 -10.85 -4.35
C GLU A 61 3.33 -9.61 -4.89
N ARG A 62 3.01 -8.70 -3.98
CA ARG A 62 2.24 -7.52 -4.33
C ARG A 62 3.12 -6.32 -4.67
N ASP A 63 4.45 -6.51 -4.71
CA ASP A 63 5.38 -5.39 -4.92
C ASP A 63 5.40 -4.78 -6.32
N ASP A 64 5.82 -3.50 -6.36
CA ASP A 64 5.96 -2.75 -7.61
C ASP A 64 7.18 -3.12 -8.40
N LEU A 65 8.19 -3.70 -7.75
CA LEU A 65 9.35 -4.25 -8.47
C LEU A 65 9.13 -5.78 -8.61
N PRO A 66 9.36 -6.36 -9.81
CA PRO A 66 9.09 -7.81 -10.00
C PRO A 66 9.85 -8.72 -9.02
N LEU A 67 9.16 -9.75 -8.55
CA LEU A 67 9.75 -10.76 -7.63
C LEU A 67 9.81 -12.13 -8.33
N LEU A 68 10.98 -12.73 -8.34
CA LEU A 68 11.15 -14.08 -8.89
C LEU A 68 11.47 -15.04 -7.72
N VAL A 69 10.63 -16.06 -7.55
CA VAL A 69 10.74 -16.97 -6.42
C VAL A 69 11.04 -18.39 -6.88
N ASP A 70 12.09 -18.97 -6.28
CA ASP A 70 12.47 -20.36 -6.44
C ASP A 70 11.82 -21.18 -5.30
N PHE A 71 10.80 -21.96 -5.66
CA PHE A 71 10.19 -22.92 -4.73
C PHE A 71 11.04 -24.18 -4.85
N TRP A 72 11.72 -24.56 -3.77
CA TRP A 72 12.74 -25.61 -3.80
C TRP A 72 12.62 -26.47 -2.55
N ALA A 73 13.32 -27.60 -2.52
CA ALA A 73 13.41 -28.43 -1.31
C ALA A 73 14.79 -29.09 -1.31
N PRO A 74 15.44 -29.11 -0.12
CA PRO A 74 16.83 -29.55 -0.08
C PRO A 74 17.06 -31.04 -0.43
N TRP A 75 16.02 -31.88 -0.31
CA TRP A 75 16.15 -33.29 -0.66
C TRP A 75 16.23 -33.51 -2.18
N CYS A 76 15.96 -32.47 -2.96
CA CYS A 76 15.83 -32.62 -4.40
C CYS A 76 17.17 -32.23 -5.04
N GLY A 77 17.87 -33.20 -5.63
CA GLY A 77 19.18 -32.96 -6.26
C GLY A 77 19.24 -31.74 -7.21
N PRO A 78 18.36 -31.70 -8.20
CA PRO A 78 18.24 -30.52 -9.09
C PRO A 78 18.06 -29.18 -8.40
N CYS A 79 17.30 -29.15 -7.29
CA CYS A 79 17.16 -27.93 -6.51
C CYS A 79 18.52 -27.52 -5.93
N ARG A 80 19.23 -28.49 -5.37
CA ARG A 80 20.55 -28.23 -4.78
C ARG A 80 21.52 -27.70 -5.85
N GLN A 81 21.49 -28.32 -7.03
CA GLN A 81 22.34 -27.85 -8.12
C GLN A 81 21.96 -26.47 -8.61
N MET A 82 20.66 -26.18 -8.58
CA MET A 82 20.12 -24.91 -9.08
C MET A 82 20.50 -23.72 -8.20
N ALA A 83 20.75 -23.98 -6.91
CA ALA A 83 20.95 -22.86 -5.94
C ALA A 83 22.01 -21.82 -6.43
N PRO A 84 23.23 -22.29 -6.77
CA PRO A 84 24.24 -21.36 -7.31
C PRO A 84 23.85 -20.69 -8.62
N GLN A 85 23.09 -21.38 -9.50
CA GLN A 85 22.58 -20.77 -10.75
C GLN A 85 21.61 -19.62 -10.47
N PHE A 86 20.71 -19.87 -9.51
CA PHE A 86 19.75 -18.85 -9.07
C PHE A 86 20.48 -17.65 -8.44
N GLN A 87 21.58 -17.89 -7.72
CA GLN A 87 22.37 -16.77 -7.15
C GLN A 87 23.02 -15.91 -8.28
N ALA A 88 23.50 -16.59 -9.32
CA ALA A 88 24.10 -15.88 -10.47
C ALA A 88 23.06 -15.09 -11.24
N ALA A 89 21.85 -15.64 -11.40
CA ALA A 89 20.76 -14.92 -12.01
C ALA A 89 20.44 -13.67 -11.20
N ALA A 90 20.49 -13.78 -9.86
CA ALA A 90 20.18 -12.64 -8.98
C ALA A 90 21.16 -11.45 -9.19
N ALA A 91 22.45 -11.76 -9.28
CA ALA A 91 23.48 -10.76 -9.52
C ALA A 91 23.18 -10.07 -10.83
N THR A 92 22.90 -10.85 -11.88
CA THR A 92 22.57 -10.31 -13.21
C THR A 92 21.34 -9.41 -13.22
N LEU A 93 20.30 -9.84 -12.52
CA LEU A 93 19.06 -9.11 -12.50
C LEU A 93 18.96 -8.04 -11.41
N ALA A 94 20.04 -7.81 -10.67
CA ALA A 94 20.02 -6.81 -9.57
C ALA A 94 19.48 -5.46 -10.06
N GLY A 95 18.51 -4.92 -9.34
CA GLY A 95 17.85 -3.65 -9.73
C GLY A 95 16.66 -3.77 -10.65
N GLN A 96 16.51 -4.91 -11.34
CA GLN A 96 15.35 -5.10 -12.22
C GLN A 96 14.38 -6.06 -11.61
N VAL A 97 14.90 -7.11 -10.99
CA VAL A 97 14.05 -8.16 -10.40
C VAL A 97 14.70 -8.57 -9.08
N ARG A 98 13.89 -8.73 -8.03
CA ARG A 98 14.41 -9.27 -6.77
C ARG A 98 14.14 -10.76 -6.71
N LEU A 99 15.12 -11.50 -6.23
CA LEU A 99 15.04 -12.96 -6.19
C LEU A 99 14.99 -13.48 -4.78
N ALA A 100 14.14 -14.49 -4.58
CA ALA A 100 13.97 -15.10 -3.28
C ALA A 100 13.71 -16.59 -3.48
N LYS A 101 13.89 -17.34 -2.41
CA LYS A 101 13.67 -18.77 -2.45
C LYS A 101 12.84 -19.16 -1.21
N ILE A 102 12.08 -20.24 -1.35
CA ILE A 102 11.25 -20.74 -0.25
C ILE A 102 11.25 -22.26 -0.26
N ASP A 103 11.60 -22.84 0.88
CA ASP A 103 11.76 -24.28 1.05
C ASP A 103 10.36 -24.86 1.31
N THR A 104 9.88 -25.65 0.35
CA THR A 104 8.51 -26.19 0.37
C THR A 104 8.42 -27.38 1.35
N GLN A 105 9.57 -27.92 1.76
CA GLN A 105 9.61 -28.91 2.87
C GLN A 105 9.44 -28.24 4.24
N ALA A 106 10.17 -27.13 4.44
CA ALA A 106 10.08 -26.28 5.65
C ALA A 106 8.72 -25.59 5.78
N HIS A 107 8.13 -25.24 4.64
CA HIS A 107 6.84 -24.55 4.60
C HIS A 107 5.86 -25.29 3.68
N PRO A 108 5.24 -26.39 4.18
CA PRO A 108 4.38 -27.32 3.43
C PRO A 108 3.05 -26.75 2.88
N ALA A 109 2.59 -25.61 3.37
CA ALA A 109 1.33 -25.07 2.85
C ALA A 109 1.55 -24.24 1.59
N VAL A 110 2.78 -23.76 1.34
CA VAL A 110 3.00 -22.86 0.19
C VAL A 110 2.82 -23.55 -1.18
N ALA A 111 3.16 -24.85 -1.26
CA ALA A 111 3.03 -25.61 -2.50
C ALA A 111 1.60 -25.58 -3.02
N GLY A 112 0.64 -25.92 -2.17
CA GLY A 112 -0.80 -25.89 -2.55
C GLY A 112 -1.30 -24.50 -2.96
N ARG A 113 -0.89 -23.48 -2.21
CA ARG A 113 -1.27 -22.10 -2.48
C ARG A 113 -0.88 -21.59 -3.87
N HIS A 114 0.21 -22.10 -4.40
CA HIS A 114 0.74 -21.67 -5.69
C HIS A 114 0.68 -22.77 -6.75
N ARG A 115 -0.02 -23.88 -6.44
CA ARG A 115 -0.10 -25.07 -7.33
C ARG A 115 1.28 -25.43 -7.89
N ILE A 116 2.23 -25.63 -6.96
CA ILE A 116 3.58 -26.00 -7.30
C ILE A 116 3.55 -27.46 -7.77
N GLN A 117 4.27 -27.75 -8.84
CA GLN A 117 4.28 -29.09 -9.36
C GLN A 117 5.70 -29.59 -9.27
N GLY A 118 6.41 -29.72 -10.40
CA GLY A 118 7.81 -30.10 -10.32
C GLY A 118 8.64 -28.96 -9.73
N ILE A 119 9.73 -29.33 -9.06
CA ILE A 119 10.67 -28.35 -8.47
C ILE A 119 12.11 -28.59 -8.98
N PRO A 120 12.98 -27.56 -8.99
CA PRO A 120 12.75 -26.17 -8.60
C PRO A 120 11.72 -25.52 -9.54
N ALA A 121 10.83 -24.74 -8.97
CA ALA A 121 9.83 -24.01 -9.76
C ALA A 121 10.11 -22.54 -9.57
N PHE A 122 10.08 -21.78 -10.66
CA PHE A 122 10.36 -20.35 -10.57
C PHE A 122 9.08 -19.65 -10.93
N ILE A 123 8.55 -18.81 -10.04
CA ILE A 123 7.40 -17.99 -10.40
C ILE A 123 7.75 -16.50 -10.37
N LEU A 124 7.40 -15.81 -11.47
CA LEU A 124 7.58 -14.36 -11.58
C LEU A 124 6.30 -13.63 -11.18
N PHE A 125 6.41 -12.83 -10.11
CA PHE A 125 5.26 -12.02 -9.60
C PHE A 125 5.47 -10.55 -9.87
N HIS A 126 4.36 -9.82 -10.01
CA HIS A 126 4.42 -8.38 -10.15
C HIS A 126 3.06 -7.76 -9.79
N LYS A 127 3.06 -6.86 -8.80
CA LYS A 127 1.85 -6.22 -8.31
C LYS A 127 0.71 -7.23 -8.01
N GLY A 128 1.04 -8.30 -7.30
CA GLY A 128 0.02 -9.27 -6.87
C GLY A 128 -0.44 -10.26 -7.94
N ARG A 129 0.12 -10.17 -9.13
CA ARG A 129 -0.19 -11.10 -10.21
C ARG A 129 1.02 -12.01 -10.51
N GLU A 130 0.75 -13.28 -10.83
CA GLU A 130 1.78 -14.17 -11.38
C GLU A 130 1.90 -13.86 -12.88
N LEU A 131 3.06 -13.38 -13.32
CA LEU A 131 3.29 -13.12 -14.72
C LEU A 131 3.67 -14.36 -15.53
N ALA A 132 4.35 -15.31 -14.89
CA ALA A 132 4.88 -16.48 -15.60
C ALA A 132 5.48 -17.47 -14.60
N ARG A 133 5.73 -18.68 -15.08
CA ARG A 133 6.44 -19.67 -14.28
C ARG A 133 7.17 -20.63 -15.19
N ALA A 134 8.17 -21.29 -14.63
CA ALA A 134 8.92 -22.32 -15.31
C ALA A 134 9.35 -23.30 -14.22
N ALA A 135 9.57 -24.55 -14.58
CA ALA A 135 9.99 -25.55 -13.60
C ALA A 135 11.09 -26.38 -14.23
N GLY A 136 12.06 -26.77 -13.40
CA GLY A 136 13.21 -27.56 -13.81
C GLY A 136 14.48 -26.73 -13.78
N ALA A 137 15.57 -27.34 -13.34
CA ALA A 137 16.86 -26.69 -13.28
C ALA A 137 17.31 -26.32 -14.70
N ARG A 138 17.97 -25.16 -14.80
CA ARG A 138 18.47 -24.61 -16.06
C ARG A 138 19.58 -23.60 -15.75
N PRO A 139 20.42 -23.27 -16.76
CA PRO A 139 21.47 -22.29 -16.48
C PRO A 139 20.93 -20.90 -16.16
N ALA A 140 21.69 -20.17 -15.35
CA ALA A 140 21.38 -18.81 -14.97
C ALA A 140 20.93 -17.95 -16.14
N SER A 141 21.71 -17.95 -17.22
CA SER A 141 21.41 -17.09 -18.35
C SER A 141 20.09 -17.43 -19.03
N GLU A 142 19.75 -18.71 -19.01
CA GLU A 142 18.47 -19.13 -19.60
C GLU A 142 17.32 -18.58 -18.78
N LEU A 143 17.45 -18.62 -17.45
CA LEU A 143 16.39 -18.10 -16.59
C LEU A 143 16.27 -16.58 -16.72
N VAL A 144 17.41 -15.91 -16.80
CA VAL A 144 17.43 -14.45 -16.95
C VAL A 144 16.70 -14.07 -18.25
N GLY A 145 17.04 -14.78 -19.34
CA GLY A 145 16.39 -14.57 -20.64
C GLY A 145 14.88 -14.75 -20.56
N PHE A 146 14.44 -15.82 -19.92
CA PHE A 146 13.00 -16.10 -19.74
C PHE A 146 12.32 -14.97 -18.99
N VAL A 147 12.96 -14.51 -17.92
CA VAL A 147 12.40 -13.47 -17.09
C VAL A 147 12.30 -12.15 -17.87
N ARG A 148 13.40 -11.76 -18.50
CA ARG A 148 13.45 -10.51 -19.25
C ARG A 148 12.40 -10.50 -20.38
N GLY A 149 12.22 -11.64 -21.05
CA GLY A 149 11.18 -11.83 -22.06
C GLY A 149 9.77 -11.59 -21.53
N LYS A 150 9.51 -12.04 -20.30
CA LYS A 150 8.21 -11.84 -19.71
C LYS A 150 7.99 -10.43 -19.22
N LEU A 151 9.07 -9.74 -18.87
CA LEU A 151 8.96 -8.36 -18.42
C LEU A 151 8.81 -7.41 -19.60
N GLY A 152 9.25 -7.86 -20.77
CA GLY A 152 9.13 -7.10 -22.00
C GLY A 152 7.75 -7.30 -22.61
N ALA B 10 -8.40 19.32 -15.95
CA ALA B 10 -7.29 19.19 -14.94
C ALA B 10 -6.88 20.55 -14.36
N GLU B 11 -6.74 20.58 -13.02
CA GLU B 11 -6.36 21.76 -12.22
C GLU B 11 -5.49 21.34 -11.03
N SER B 12 -4.88 22.31 -10.34
CA SER B 12 -4.11 22.07 -9.10
C SER B 12 -4.97 22.21 -7.82
N LEU B 13 -4.83 21.27 -6.89
CA LEU B 13 -5.72 21.16 -5.72
C LEU B 13 -4.96 21.43 -4.42
N ARG B 14 -5.55 22.24 -3.55
CA ARG B 14 -5.02 22.44 -2.21
C ARG B 14 -5.49 21.27 -1.34
N LEU B 15 -4.52 20.51 -0.81
CA LEU B 15 -4.81 19.44 0.18
C LEU B 15 -4.06 19.68 1.48
N THR B 16 -4.74 19.50 2.60
CA THR B 16 -4.11 19.59 3.90
C THR B 16 -3.49 18.25 4.22
N CYS B 17 -2.20 18.25 4.56
CA CYS B 17 -1.59 17.01 5.02
C CYS B 17 -2.29 16.64 6.33
N LEU B 18 -2.86 15.43 6.35
CA LEU B 18 -3.64 15.03 7.52
C LEU B 18 -2.72 14.62 8.68
N ALA B 19 -1.41 14.56 8.40
CA ALA B 19 -0.43 14.26 9.44
C ALA B 19 0.13 15.53 10.06
N CYS B 20 0.60 16.44 9.21
CA CYS B 20 1.38 17.58 9.67
C CYS B 20 0.55 18.85 9.68
N GLY B 21 -0.45 18.92 8.79
CA GLY B 21 -1.32 20.07 8.69
C GLY B 21 -0.94 20.98 7.54
N GLN B 22 0.18 20.67 6.89
CA GLN B 22 0.76 21.56 5.89
C GLN B 22 -0.07 21.56 4.60
N ALA B 23 -0.37 22.75 4.10
CA ALA B 23 -1.07 22.89 2.82
C ALA B 23 -0.16 22.49 1.66
N ASN B 24 -0.62 21.49 0.93
CA ASN B 24 0.08 21.02 -0.25
C ASN B 24 -0.70 21.28 -1.54
N LYS B 25 0.03 21.54 -2.61
CA LYS B 25 -0.58 21.75 -3.91
C LYS B 25 -0.33 20.48 -4.71
N VAL B 26 -1.39 19.92 -5.29
CA VAL B 26 -1.32 18.67 -6.06
C VAL B 26 -2.08 18.83 -7.38
N PRO B 27 -1.45 18.50 -8.54
CA PRO B 27 -2.22 18.50 -9.80
C PRO B 27 -3.35 17.48 -9.79
N SER B 28 -4.54 17.87 -10.27
CA SER B 28 -5.75 17.04 -10.15
C SER B 28 -5.67 15.78 -10.97
N ASP B 29 -4.78 15.80 -11.95
CA ASP B 29 -4.63 14.68 -12.86
C ASP B 29 -3.68 13.61 -12.31
N ARG B 30 -3.01 13.92 -11.20
CA ARG B 30 -2.00 13.00 -10.64
C ARG B 30 -2.30 12.54 -9.18
N LEU B 31 -3.59 12.49 -8.88
CA LEU B 31 -4.07 12.07 -7.55
C LEU B 31 -3.78 10.61 -7.25
N ALA B 32 -3.60 9.81 -8.30
CA ALA B 32 -3.21 8.41 -8.17
C ALA B 32 -1.70 8.20 -8.16
N ALA B 33 -0.92 9.27 -8.24
CA ALA B 33 0.55 9.17 -8.30
C ALA B 33 1.23 9.09 -6.92
N GLY B 34 0.45 8.88 -5.86
CA GLY B 34 0.99 8.82 -4.51
C GLY B 34 1.75 10.08 -4.12
N PRO B 35 1.13 11.26 -4.28
CA PRO B 35 1.82 12.49 -3.88
C PRO B 35 2.08 12.52 -2.36
N LYS B 36 3.20 13.11 -1.94
CA LYS B 36 3.62 13.16 -0.53
C LYS B 36 3.67 14.60 -0.05
N CYS B 37 3.34 14.83 1.22
CA CYS B 37 3.53 16.12 1.87
C CYS B 37 5.01 16.53 1.79
N GLY B 38 5.25 17.68 1.19
CA GLY B 38 6.59 18.23 1.08
C GLY B 38 7.25 18.59 2.40
N ILE B 39 6.51 18.56 3.50
CA ILE B 39 7.07 18.82 4.81
C ILE B 39 7.39 17.53 5.55
N CYS B 40 6.37 16.71 5.79
CA CYS B 40 6.47 15.60 6.73
C CYS B 40 6.56 14.27 6.01
N GLY B 41 6.10 14.24 4.77
CA GLY B 41 6.35 13.13 3.88
C GLY B 41 5.20 12.14 3.83
N ALA B 42 4.20 12.37 4.66
CA ALA B 42 3.00 11.53 4.68
C ALA B 42 2.30 11.51 3.33
N GLY B 43 1.84 10.34 2.93
CA GLY B 43 1.06 10.23 1.68
C GLY B 43 -0.21 11.05 1.76
N LEU B 44 -0.47 11.87 0.73
CA LEU B 44 -1.66 12.75 0.71
C LEU B 44 -2.94 12.08 0.24
N ILE B 45 -2.81 11.03 -0.57
CA ILE B 45 -3.93 10.31 -1.14
C ILE B 45 -3.65 8.83 -0.93
N THR B 46 -4.01 8.35 0.27
CA THR B 46 -3.68 6.97 0.64
C THR B 46 -4.80 5.94 0.41
N GLY B 47 -6.05 6.40 0.33
CA GLY B 47 -7.19 5.48 0.27
C GLY B 47 -7.46 4.82 1.62
N LYS B 48 -6.89 5.38 2.68
CA LYS B 48 -6.99 4.86 4.06
C LYS B 48 -7.62 5.93 4.95
N VAL B 49 -7.94 5.55 6.19
CA VAL B 49 -8.61 6.45 7.14
C VAL B 49 -7.58 7.01 8.10
N ALA B 50 -7.44 8.33 8.15
CA ALA B 50 -6.55 9.00 9.10
C ALA B 50 -7.33 9.44 10.35
N GLY B 51 -6.78 9.13 11.53
CA GLY B 51 -7.36 9.62 12.79
C GLY B 51 -6.76 11.01 13.05
N ILE B 52 -7.58 12.04 12.97
CA ILE B 52 -7.08 13.42 13.00
C ILE B 52 -7.50 14.19 14.24
N ASP B 53 -6.84 15.32 14.45
CA ASP B 53 -7.13 16.15 15.61
C ASP B 53 -7.87 17.43 15.15
N PRO B 54 -8.43 18.19 16.12
CA PRO B 54 -9.26 19.32 15.74
C PRO B 54 -8.52 20.41 14.93
N ALA B 55 -7.23 20.64 15.17
CA ALA B 55 -6.45 21.61 14.38
C ALA B 55 -6.35 21.21 12.91
N ILE B 56 -6.00 19.95 12.66
CA ILE B 56 -5.92 19.44 11.31
C ILE B 56 -7.31 19.46 10.64
N LEU B 57 -8.35 19.05 11.37
CA LEU B 57 -9.72 19.08 10.83
C LEU B 57 -10.07 20.47 10.33
N ALA B 58 -9.84 21.48 11.16
CA ALA B 58 -10.13 22.88 10.81
C ALA B 58 -9.54 23.32 9.45
N ARG B 59 -8.27 22.98 9.21
CA ARG B 59 -7.63 23.24 7.93
C ARG B 59 -8.21 22.38 6.82
N ALA B 60 -8.34 21.07 7.07
CA ALA B 60 -8.71 20.14 5.99
C ALA B 60 -10.11 20.35 5.45
N GLU B 61 -11.01 20.85 6.28
CA GLU B 61 -12.36 21.23 5.80
C GLU B 61 -12.37 22.13 4.54
N ARG B 62 -11.27 22.87 4.34
CA ARG B 62 -11.19 23.90 3.31
C ARG B 62 -10.55 23.38 2.02
N ASP B 63 -10.18 22.11 1.99
CA ASP B 63 -9.49 21.52 0.85
C ASP B 63 -10.28 21.49 -0.48
N ASP B 64 -9.54 21.41 -1.58
CA ASP B 64 -10.09 21.32 -2.93
C ASP B 64 -10.52 19.91 -3.32
N LEU B 65 -10.14 18.92 -2.53
CA LEU B 65 -10.69 17.57 -2.67
C LEU B 65 -11.64 17.32 -1.50
N PRO B 66 -12.83 16.77 -1.80
CA PRO B 66 -13.82 16.53 -0.73
C PRO B 66 -13.26 15.67 0.41
N LEU B 67 -13.72 15.98 1.61
CA LEU B 67 -13.25 15.33 2.82
C LEU B 67 -14.48 14.84 3.55
N LEU B 68 -14.46 13.56 3.89
CA LEU B 68 -15.54 12.92 4.63
C LEU B 68 -15.02 12.49 5.99
N VAL B 69 -15.68 12.99 7.03
CA VAL B 69 -15.17 12.83 8.40
C VAL B 69 -16.16 12.02 9.24
N ASP B 70 -15.67 10.93 9.83
CA ASP B 70 -16.45 10.12 10.77
C ASP B 70 -16.21 10.64 12.19
N PHE B 71 -17.24 11.24 12.78
CA PHE B 71 -17.20 11.66 14.19
C PHE B 71 -17.63 10.46 15.00
N TRP B 72 -16.71 9.90 15.77
CA TRP B 72 -16.92 8.63 16.41
C TRP B 72 -16.44 8.65 17.87
N ALA B 73 -16.73 7.58 18.59
CA ALA B 73 -16.14 7.36 19.90
C ALA B 73 -16.07 5.90 20.26
N PRO B 74 -14.95 5.45 20.87
CA PRO B 74 -14.75 4.03 21.05
C PRO B 74 -15.73 3.37 22.02
N TRP B 75 -16.40 4.15 22.87
CA TRP B 75 -17.38 3.58 23.83
C TRP B 75 -18.68 3.16 23.15
N CYS B 76 -18.88 3.65 21.91
CA CYS B 76 -20.11 3.48 21.14
C CYS B 76 -20.03 2.24 20.26
N GLY B 77 -20.84 1.21 20.57
CA GLY B 77 -20.85 -0.06 19.83
C GLY B 77 -21.02 0.07 18.32
N PRO B 78 -22.04 0.83 17.88
CA PRO B 78 -22.21 1.11 16.44
C PRO B 78 -20.98 1.78 15.79
N CYS B 79 -20.32 2.69 16.51
CA CYS B 79 -19.02 3.25 16.02
C CYS B 79 -17.92 2.20 15.81
N ARG B 80 -17.74 1.29 16.77
CA ARG B 80 -16.80 0.19 16.66
C ARG B 80 -17.11 -0.71 15.46
N GLN B 81 -18.38 -0.99 15.27
CA GLN B 81 -18.89 -1.76 14.13
C GLN B 81 -18.66 -1.00 12.82
N MET B 82 -18.83 0.31 12.85
CA MET B 82 -18.73 1.13 11.65
C MET B 82 -17.27 1.28 11.18
N ALA B 83 -16.31 1.13 12.12
CA ALA B 83 -14.89 1.41 11.77
C ALA B 83 -14.37 0.63 10.54
N PRO B 84 -14.56 -0.69 10.49
CA PRO B 84 -14.05 -1.35 9.27
C PRO B 84 -14.90 -1.08 8.04
N GLN B 85 -16.17 -0.68 8.21
CA GLN B 85 -16.98 -0.23 7.05
C GLN B 85 -16.45 1.10 6.48
N PHE B 86 -16.04 2.00 7.38
CA PHE B 86 -15.47 3.30 6.98
C PHE B 86 -14.13 3.10 6.24
N GLN B 87 -13.33 2.12 6.71
CA GLN B 87 -12.07 1.76 6.01
C GLN B 87 -12.37 1.19 4.59
N ALA B 88 -13.39 0.35 4.49
CA ALA B 88 -13.83 -0.17 3.16
C ALA B 88 -14.23 0.97 2.23
N ALA B 89 -15.04 1.90 2.75
CA ALA B 89 -15.44 3.12 1.99
C ALA B 89 -14.22 3.93 1.51
N ALA B 90 -13.23 4.09 2.40
CA ALA B 90 -12.02 4.81 2.06
C ALA B 90 -11.31 4.15 0.88
N ALA B 91 -11.16 2.83 0.92
CA ALA B 91 -10.52 2.15 -0.24
C ALA B 91 -11.28 2.44 -1.57
N THR B 92 -12.60 2.34 -1.50
CA THR B 92 -13.47 2.49 -2.66
C THR B 92 -13.39 3.91 -3.22
N LEU B 93 -13.33 4.90 -2.32
CA LEU B 93 -13.36 6.30 -2.71
C LEU B 93 -11.98 6.94 -2.96
N ALA B 94 -10.93 6.13 -2.92
CA ALA B 94 -9.57 6.62 -3.02
C ALA B 94 -9.39 7.46 -4.28
N GLY B 95 -8.92 8.69 -4.11
CA GLY B 95 -8.70 9.58 -5.24
C GLY B 95 -9.86 10.48 -5.54
N GLN B 96 -11.05 10.12 -5.07
CA GLN B 96 -12.23 10.96 -5.19
C GLN B 96 -12.52 11.75 -3.90
N VAL B 97 -12.42 11.08 -2.76
CA VAL B 97 -12.78 11.68 -1.48
C VAL B 97 -11.74 11.14 -0.48
N ARG B 98 -11.25 12.01 0.38
CA ARG B 98 -10.37 11.56 1.47
C ARG B 98 -11.19 11.40 2.74
N LEU B 99 -10.90 10.31 3.45
CA LEU B 99 -11.61 9.95 4.67
C LEU B 99 -10.73 10.13 5.92
N ALA B 100 -11.35 10.68 6.96
CA ALA B 100 -10.73 10.85 8.25
C ALA B 100 -11.73 10.59 9.35
N LYS B 101 -11.23 10.23 10.52
CA LYS B 101 -12.11 10.04 11.68
C LYS B 101 -11.57 10.93 12.80
N ILE B 102 -12.47 11.31 13.72
CA ILE B 102 -12.03 12.09 14.88
C ILE B 102 -12.77 11.61 16.12
N ASP B 103 -11.98 11.32 17.15
CA ASP B 103 -12.49 10.65 18.37
C ASP B 103 -13.08 11.77 19.24
N THR B 104 -14.42 11.78 19.35
CA THR B 104 -15.12 12.87 20.05
C THR B 104 -15.04 12.71 21.57
N GLN B 105 -14.64 11.52 22.02
CA GLN B 105 -14.25 11.34 23.42
C GLN B 105 -12.86 11.95 23.70
N ALA B 106 -11.89 11.67 22.84
CA ALA B 106 -10.54 12.20 23.00
C ALA B 106 -10.53 13.71 22.81
N HIS B 107 -11.44 14.20 21.97
CA HIS B 107 -11.54 15.62 21.63
C HIS B 107 -12.95 16.11 21.92
N PRO B 108 -13.22 16.39 23.21
CA PRO B 108 -14.60 16.52 23.67
C PRO B 108 -15.38 17.77 23.28
N ALA B 109 -14.76 18.71 22.58
CA ALA B 109 -15.41 19.94 22.14
C ALA B 109 -15.80 19.89 20.65
N VAL B 110 -15.17 18.98 19.89
CA VAL B 110 -15.35 18.97 18.41
C VAL B 110 -16.81 18.63 17.98
N ALA B 111 -17.49 17.78 18.75
CA ALA B 111 -18.86 17.38 18.41
C ALA B 111 -19.81 18.58 18.53
N GLY B 112 -19.72 19.31 19.64
CA GLY B 112 -20.52 20.53 19.85
C GLY B 112 -20.25 21.58 18.78
N ARG B 113 -18.98 21.75 18.43
CA ARG B 113 -18.60 22.72 17.40
C ARG B 113 -19.11 22.36 15.99
N HIS B 114 -19.56 21.12 15.81
CA HIS B 114 -20.11 20.66 14.52
C HIS B 114 -21.58 20.28 14.57
N ARG B 115 -22.27 20.72 15.64
CA ARG B 115 -23.70 20.44 15.84
C ARG B 115 -24.00 18.95 15.82
N ILE B 116 -23.04 18.13 16.25
CA ILE B 116 -23.17 16.68 16.26
C ILE B 116 -23.96 16.26 17.47
N GLN B 117 -25.01 15.47 17.27
CA GLN B 117 -25.62 14.77 18.39
C GLN B 117 -25.30 13.28 18.36
N GLY B 118 -26.09 12.50 17.64
CA GLY B 118 -25.83 11.07 17.50
C GLY B 118 -24.50 10.79 16.80
N ILE B 119 -23.85 9.69 17.21
CA ILE B 119 -22.68 9.13 16.53
C ILE B 119 -22.94 7.65 16.19
N PRO B 120 -22.26 7.10 15.16
CA PRO B 120 -21.32 7.81 14.29
C PRO B 120 -22.06 8.85 13.47
N ALA B 121 -21.37 9.93 13.16
CA ALA B 121 -21.93 10.97 12.33
C ALA B 121 -20.89 11.20 11.27
N PHE B 122 -21.33 11.51 10.06
CA PHE B 122 -20.46 11.74 8.94
C PHE B 122 -20.76 13.13 8.41
N ILE B 123 -19.71 13.92 8.18
CA ILE B 123 -19.86 15.19 7.47
C ILE B 123 -18.94 15.20 6.27
N LEU B 124 -19.54 15.52 5.12
CA LEU B 124 -18.80 15.66 3.86
C LEU B 124 -18.53 17.15 3.60
N PHE B 125 -17.24 17.52 3.54
CA PHE B 125 -16.80 18.91 3.33
C PHE B 125 -16.19 19.05 1.94
N HIS B 126 -16.16 20.29 1.43
CA HIS B 126 -15.46 20.63 0.18
C HIS B 126 -15.32 22.14 0.12
N LYS B 127 -14.08 22.63 0.02
CA LYS B 127 -13.76 24.08 -0.05
C LYS B 127 -14.44 24.93 1.04
N GLY B 128 -14.44 24.39 2.26
CA GLY B 128 -14.97 25.11 3.43
C GLY B 128 -16.48 25.03 3.56
N ARG B 129 -17.12 24.29 2.67
CA ARG B 129 -18.58 24.12 2.72
C ARG B 129 -18.93 22.71 3.20
N GLU B 130 -20.01 22.60 3.96
CA GLU B 130 -20.58 21.30 4.26
C GLU B 130 -21.50 20.91 3.09
N LEU B 131 -21.11 19.85 2.38
CA LEU B 131 -21.95 19.30 1.30
C LEU B 131 -23.11 18.43 1.82
N ALA B 132 -22.88 17.72 2.92
CA ALA B 132 -23.85 16.74 3.39
C ALA B 132 -23.47 16.30 4.78
N ARG B 133 -24.44 15.73 5.47
CA ARG B 133 -24.29 15.22 6.83
C ARG B 133 -25.16 14.00 6.87
N ALA B 134 -24.70 12.95 7.56
CA ALA B 134 -25.55 11.77 7.87
C ALA B 134 -25.21 11.30 9.28
N ALA B 135 -26.16 10.62 9.93
CA ALA B 135 -25.91 10.07 11.27
C ALA B 135 -26.37 8.61 11.34
N GLY B 136 -25.58 7.79 12.03
CA GLY B 136 -25.88 6.38 12.26
C GLY B 136 -25.04 5.47 11.38
N ALA B 137 -24.65 4.31 11.91
CA ALA B 137 -23.87 3.33 11.15
C ALA B 137 -24.61 2.81 9.91
N ARG B 138 -23.86 2.59 8.83
CA ARG B 138 -24.41 1.96 7.64
C ARG B 138 -23.30 1.16 6.95
N PRO B 139 -23.68 0.19 6.10
CA PRO B 139 -22.67 -0.53 5.31
C PRO B 139 -21.89 0.43 4.44
N ALA B 140 -20.64 0.06 4.16
CA ALA B 140 -19.76 0.80 3.25
C ALA B 140 -20.46 1.13 1.91
N SER B 141 -21.10 0.15 1.27
CA SER B 141 -21.78 0.44 -0.02
C SER B 141 -22.75 1.59 0.05
N GLU B 142 -23.51 1.66 1.15
CA GLU B 142 -24.51 2.71 1.34
C GLU B 142 -23.86 4.10 1.57
N LEU B 143 -22.87 4.16 2.44
CA LEU B 143 -22.13 5.41 2.60
C LEU B 143 -21.45 5.90 1.32
N VAL B 144 -20.76 5.02 0.61
CA VAL B 144 -20.17 5.35 -0.69
C VAL B 144 -21.23 5.89 -1.68
N GLY B 145 -22.35 5.19 -1.76
CA GLY B 145 -23.46 5.59 -2.66
C GLY B 145 -23.98 6.98 -2.34
N PHE B 146 -24.16 7.23 -1.04
CA PHE B 146 -24.64 8.52 -0.52
C PHE B 146 -23.68 9.67 -0.90
N VAL B 147 -22.40 9.44 -0.62
CA VAL B 147 -21.35 10.42 -0.87
C VAL B 147 -21.23 10.73 -2.37
N ARG B 148 -21.17 9.67 -3.18
CA ARG B 148 -21.09 9.85 -4.64
C ARG B 148 -22.28 10.62 -5.21
N GLY B 149 -23.47 10.34 -4.67
CA GLY B 149 -24.70 11.09 -5.01
C GLY B 149 -24.63 12.57 -4.71
N LYS B 150 -23.92 12.95 -3.64
CA LYS B 150 -23.78 14.34 -3.22
C LYS B 150 -22.75 15.10 -4.05
N LEU B 151 -21.89 14.34 -4.73
CA LEU B 151 -20.83 14.92 -5.53
C LEU B 151 -21.23 15.09 -7.00
N GLY B 152 -22.40 14.57 -7.37
CA GLY B 152 -22.95 14.83 -8.71
C GLY B 152 -24.46 15.11 -8.69
#